data_5GMJ
#
_entry.id   5GMJ
#
_cell.length_a   132.989
_cell.length_b   132.989
_cell.length_c   219.397
_cell.angle_alpha   90.000
_cell.angle_beta   90.000
_cell.angle_gamma   90.000
#
_symmetry.space_group_name_H-M   'I 41 2 2'
#
loop_
_entity.id
_entity.type
_entity.pdbx_description
1 polymer 'Golgi reassembly-stacking protein 2'
2 polymer 'Junctional adhesion molecule B'
3 water water
#
loop_
_entity_poly.entity_id
_entity_poly.type
_entity_poly.pdbx_seq_one_letter_code
_entity_poly.pdbx_strand_id
1 'polypeptide(L)'
;MSYYHHHHHHLESTSLYKKAGFLVPRGSGSSQSVEIPGGGTEGYHVLRVQENSPGHRAGLEPFFDFIVSINGSRLNKDND
TLKDLLKANVEKPVKMLIYSSKTLELREASVTPSNLWGGQGLLGVSIRFCSFDGANENVWHVLEVESNSPAALAGLRPHS
DYIIGADTVMNESEDLFSLIETHEAKPLKLYVYNTDTDNCREVIITPNSAWGGEGSLGCGIGYGYLHRIPTRPFE
;
A,B
2 'polypeptide(L)' SKVTTMSENDFKHTKSFII C,D
#
# COMPACT_ATOMS: atom_id res chain seq x y z
N SER A 13 10.30 -39.55 12.92
CA SER A 13 11.60 -38.98 13.26
C SER A 13 11.66 -38.53 14.71
N THR A 14 12.67 -37.72 15.02
CA THR A 14 12.76 -37.08 16.33
C THR A 14 12.42 -35.60 16.23
N SER A 15 12.35 -35.09 15.00
CA SER A 15 12.05 -33.68 14.76
C SER A 15 10.67 -33.29 15.28
N LEU A 16 10.62 -32.14 15.95
CA LEU A 16 9.37 -31.62 16.48
C LEU A 16 8.67 -30.71 15.48
N TYR A 17 9.16 -30.72 14.24
CA TYR A 17 8.56 -29.91 13.19
C TYR A 17 8.15 -30.73 11.98
N LYS A 18 7.19 -30.20 11.23
CA LYS A 18 6.68 -30.84 10.03
C LYS A 18 6.44 -29.81 8.94
N LYS A 19 6.09 -30.27 7.75
CA LYS A 19 5.85 -29.35 6.63
C LYS A 19 4.36 -29.04 6.47
N ALA A 20 4.08 -27.81 6.07
CA ALA A 20 2.70 -27.39 5.83
C ALA A 20 2.65 -26.43 4.65
N GLY A 21 1.50 -26.36 4.01
CA GLY A 21 1.32 -25.48 2.86
C GLY A 21 0.84 -24.09 3.23
N PHE A 22 1.47 -23.08 2.64
CA PHE A 22 1.08 -21.70 2.89
C PHE A 22 1.08 -20.91 1.60
N LEU A 23 0.24 -19.88 1.54
CA LEU A 23 0.16 -19.03 0.36
C LEU A 23 1.30 -18.03 0.35
N VAL A 24 1.97 -17.91 -0.79
CA VAL A 24 3.08 -16.98 -0.96
C VAL A 24 2.89 -16.25 -2.27
N PRO A 25 3.49 -15.05 -2.39
CA PRO A 25 3.33 -14.34 -3.67
C PRO A 25 3.94 -15.10 -4.83
N ARG A 26 3.27 -15.07 -5.97
CA ARG A 26 3.75 -15.70 -7.19
C ARG A 26 5.10 -15.10 -7.60
N GLY A 27 5.32 -13.84 -7.21
CA GLY A 27 6.55 -13.13 -7.54
C GLY A 27 7.76 -13.66 -6.80
N SER A 28 7.76 -14.98 -6.59
CA SER A 28 8.86 -15.71 -5.99
C SER A 28 9.03 -16.94 -6.87
N GLY A 29 10.27 -17.31 -7.15
CA GLY A 29 11.39 -17.00 -6.28
C GLY A 29 11.51 -18.15 -5.31
N SER A 30 11.96 -19.30 -5.81
CA SER A 30 12.66 -19.34 -7.09
C SER A 30 11.97 -20.25 -8.09
N SER A 31 10.78 -19.83 -8.54
CA SER A 31 10.23 -20.33 -9.79
C SER A 31 10.60 -19.29 -10.83
N GLN A 32 11.43 -19.70 -11.78
CA GLN A 32 12.06 -18.79 -12.73
C GLN A 32 12.12 -19.45 -14.14
N SER A 33 12.74 -18.86 -15.16
CA SER A 33 13.34 -17.51 -15.14
C SER A 33 12.82 -16.56 -16.22
N VAL A 34 13.41 -16.63 -17.41
CA VAL A 34 13.23 -15.62 -18.45
C VAL A 34 12.76 -16.08 -19.83
N GLU A 35 11.65 -15.51 -20.29
CA GLU A 35 11.13 -15.79 -21.63
C GLU A 35 11.19 -14.50 -22.43
N ILE A 36 12.04 -13.57 -21.98
CA ILE A 36 12.10 -12.22 -22.54
C ILE A 36 12.69 -12.22 -23.95
N PRO A 37 12.01 -11.56 -24.89
CA PRO A 37 12.53 -11.43 -26.25
C PRO A 37 13.85 -10.66 -26.29
N GLY A 38 14.78 -11.13 -27.11
CA GLY A 38 16.10 -10.53 -27.19
C GLY A 38 17.05 -11.12 -26.16
N GLY A 39 16.52 -12.03 -25.36
CA GLY A 39 17.31 -12.68 -24.31
C GLY A 39 17.72 -11.71 -23.23
N GLY A 40 18.55 -12.17 -22.30
CA GLY A 40 19.00 -11.36 -21.19
C GLY A 40 18.09 -11.52 -20.01
N THR A 41 18.46 -10.92 -18.88
CA THR A 41 17.63 -10.93 -17.69
C THR A 41 17.68 -9.58 -17.00
N GLU A 42 18.21 -8.59 -17.70
CA GLU A 42 18.38 -7.27 -17.12
C GLU A 42 17.58 -6.23 -17.90
N GLY A 43 17.15 -5.19 -17.20
CA GLY A 43 16.36 -4.12 -17.78
C GLY A 43 16.47 -2.90 -16.90
N TYR A 44 15.59 -1.93 -17.11
CA TYR A 44 15.58 -0.74 -16.28
C TYR A 44 14.51 -0.80 -15.20
N HIS A 45 14.98 -0.93 -13.95
CA HIS A 45 14.10 -1.01 -12.79
C HIS A 45 13.40 0.31 -12.56
N VAL A 46 12.07 0.29 -12.55
CA VAL A 46 11.29 1.50 -12.32
C VAL A 46 11.19 1.81 -10.83
N LEU A 47 11.85 2.87 -10.39
CA LEU A 47 11.78 3.29 -9.01
C LEU A 47 10.68 4.32 -8.81
N ARG A 48 11.06 5.58 -8.62
CA ARG A 48 10.07 6.62 -8.38
C ARG A 48 9.34 7.04 -9.66
N VAL A 49 8.01 7.13 -9.56
CA VAL A 49 7.20 7.65 -10.66
C VAL A 49 6.51 8.92 -10.20
N GLN A 50 6.88 10.04 -10.81
CA GLN A 50 6.33 11.35 -10.44
C GLN A 50 4.87 11.46 -10.86
N GLU A 51 4.10 12.24 -10.12
CA GLU A 51 2.68 12.41 -10.41
C GLU A 51 2.48 13.31 -11.63
N ASN A 52 1.38 13.08 -12.34
CA ASN A 52 1.03 13.84 -13.54
C ASN A 52 2.14 13.76 -14.59
N SER A 53 2.78 12.59 -14.67
CA SER A 53 3.89 12.39 -15.59
C SER A 53 3.47 11.45 -16.72
N PRO A 54 4.22 11.48 -17.84
CA PRO A 54 4.04 10.47 -18.88
C PRO A 54 4.16 9.06 -18.32
N GLY A 55 5.17 8.86 -17.47
CA GLY A 55 5.36 7.59 -16.80
C GLY A 55 4.13 7.15 -16.04
N HIS A 56 3.55 8.06 -15.27
CA HIS A 56 2.32 7.79 -14.53
C HIS A 56 1.17 7.41 -15.45
N ARG A 57 0.93 8.24 -16.46
CA ARG A 57 -0.15 8.00 -17.42
C ARG A 57 0.03 6.65 -18.12
N ALA A 58 1.28 6.26 -18.34
CA ALA A 58 1.60 5.02 -19.03
C ALA A 58 1.35 3.79 -18.18
N GLY A 59 1.20 3.98 -16.87
CA GLY A 59 0.90 2.86 -15.99
C GLY A 59 2.12 2.18 -15.39
N LEU A 60 3.27 2.86 -15.44
CA LEU A 60 4.50 2.32 -14.87
C LEU A 60 4.39 2.18 -13.36
N GLU A 61 4.45 0.95 -12.88
CA GLU A 61 4.38 0.68 -11.44
C GLU A 61 5.76 0.70 -10.81
N PRO A 62 5.95 1.57 -9.81
CA PRO A 62 7.18 1.62 -9.02
C PRO A 62 7.59 0.25 -8.49
N PHE A 63 8.90 -0.01 -8.46
CA PHE A 63 9.48 -1.25 -7.94
C PHE A 63 9.15 -2.52 -8.74
N PHE A 64 7.89 -2.72 -9.11
CA PHE A 64 7.49 -3.96 -9.76
C PHE A 64 7.75 -4.00 -11.26
N ASP A 65 7.87 -2.83 -11.88
CA ASP A 65 8.04 -2.80 -13.34
C ASP A 65 9.48 -2.63 -13.76
N PHE A 66 9.85 -3.37 -14.81
CA PHE A 66 11.15 -3.25 -15.44
C PHE A 66 10.94 -2.93 -16.92
N ILE A 67 11.62 -1.90 -17.40
CA ILE A 67 11.56 -1.59 -18.82
C ILE A 67 12.55 -2.49 -19.55
N VAL A 68 12.04 -3.25 -20.51
CA VAL A 68 12.85 -4.25 -21.18
C VAL A 68 13.18 -3.85 -22.62
N SER A 69 12.18 -3.33 -23.31
CA SER A 69 12.37 -2.89 -24.69
C SER A 69 11.61 -1.59 -24.97
N ILE A 70 12.12 -0.82 -25.93
CA ILE A 70 11.44 0.38 -26.38
C ILE A 70 11.46 0.44 -27.90
N ASN A 71 10.26 0.43 -28.49
CA ASN A 71 10.09 0.35 -29.94
C ASN A 71 10.84 -0.81 -30.56
N GLY A 72 10.84 -1.95 -29.87
CA GLY A 72 11.45 -3.17 -30.39
C GLY A 72 12.90 -3.35 -29.99
N SER A 73 13.53 -2.27 -29.51
CA SER A 73 14.94 -2.30 -29.12
C SER A 73 15.12 -2.82 -27.70
N ARG A 74 15.83 -3.94 -27.57
CA ARG A 74 16.11 -4.52 -26.26
C ARG A 74 17.10 -3.67 -25.47
N LEU A 75 16.77 -3.42 -24.21
CA LEU A 75 17.64 -2.64 -23.34
C LEU A 75 18.36 -3.55 -22.34
N ASN A 76 19.34 -4.30 -22.82
CA ASN A 76 20.09 -5.20 -21.95
C ASN A 76 21.46 -4.63 -21.58
N LYS A 77 21.66 -3.36 -21.90
CA LYS A 77 22.91 -2.69 -21.57
C LYS A 77 22.62 -1.33 -20.92
N ASP A 78 23.47 -0.94 -19.97
CA ASP A 78 23.33 0.36 -19.31
C ASP A 78 24.02 1.47 -20.09
N ASN A 79 23.35 1.96 -21.14
CA ASN A 79 23.90 3.03 -21.97
C ASN A 79 22.93 4.19 -22.15
N ASP A 80 23.26 5.09 -23.08
CA ASP A 80 22.46 6.29 -23.31
C ASP A 80 21.34 6.07 -24.32
N THR A 81 21.16 4.82 -24.74
CA THR A 81 20.17 4.47 -25.76
C THR A 81 18.76 4.87 -25.35
N LEU A 82 18.37 4.47 -24.14
CA LEU A 82 17.03 4.75 -23.62
C LEU A 82 16.78 6.26 -23.60
N LYS A 83 17.78 7.01 -23.18
CA LYS A 83 17.70 8.46 -23.15
C LYS A 83 17.60 9.02 -24.57
N ASP A 84 18.44 8.51 -25.46
CA ASP A 84 18.46 8.95 -26.85
C ASP A 84 17.15 8.68 -27.58
N LEU A 85 16.61 7.47 -27.39
CA LEU A 85 15.35 7.08 -28.03
C LEU A 85 14.21 7.96 -27.54
N LEU A 86 14.20 8.27 -26.24
CA LEU A 86 13.20 9.16 -25.68
C LEU A 86 13.38 10.57 -26.22
N LYS A 87 14.64 11.02 -26.28
CA LYS A 87 14.98 12.33 -26.81
C LYS A 87 14.51 12.48 -28.26
N ALA A 88 14.76 11.45 -29.05
CA ALA A 88 14.45 11.47 -30.48
C ALA A 88 12.94 11.47 -30.73
N ASN A 89 12.19 10.86 -29.82
CA ASN A 89 10.75 10.75 -29.97
C ASN A 89 9.96 11.62 -28.99
N VAL A 90 10.60 12.67 -28.50
CA VAL A 90 9.95 13.61 -27.59
C VAL A 90 8.62 14.09 -28.18
N GLU A 91 7.59 14.13 -27.33
CA GLU A 91 6.24 14.56 -27.73
C GLU A 91 5.60 13.61 -28.73
N LYS A 92 6.22 12.45 -28.95
CA LYS A 92 5.59 11.41 -29.75
C LYS A 92 5.43 10.12 -28.96
N PRO A 93 4.47 9.28 -29.36
CA PRO A 93 4.26 8.06 -28.58
C PRO A 93 5.33 7.01 -28.87
N VAL A 94 5.79 6.33 -27.82
CA VAL A 94 6.70 5.21 -27.99
C VAL A 94 6.12 4.03 -27.25
N LYS A 95 6.34 2.83 -27.78
CA LYS A 95 5.82 1.64 -27.12
C LYS A 95 6.94 0.92 -26.38
N MET A 96 6.68 0.65 -25.10
CA MET A 96 7.66 0.01 -24.24
C MET A 96 7.21 -1.38 -23.84
N LEU A 97 8.14 -2.33 -23.88
CA LEU A 97 7.87 -3.66 -23.35
C LEU A 97 8.29 -3.70 -21.88
N ILE A 98 7.33 -4.05 -21.02
CA ILE A 98 7.55 -4.00 -19.58
C ILE A 98 7.38 -5.36 -18.92
N TYR A 99 8.33 -5.72 -18.07
CA TYR A 99 8.22 -6.95 -17.28
C TYR A 99 7.82 -6.62 -15.85
N SER A 100 6.86 -7.38 -15.34
CA SER A 100 6.38 -7.18 -13.97
C SER A 100 6.90 -8.29 -13.07
N SER A 101 7.61 -7.91 -12.02
CA SER A 101 8.08 -8.88 -11.04
C SER A 101 6.91 -9.37 -10.18
N LYS A 102 5.80 -8.64 -10.27
CA LYS A 102 4.58 -9.00 -9.56
C LYS A 102 3.83 -10.13 -10.24
N THR A 103 3.59 -9.96 -11.54
CA THR A 103 2.79 -10.93 -12.30
C THR A 103 3.65 -11.87 -13.13
N LEU A 104 4.95 -11.59 -13.19
CA LEU A 104 5.90 -12.37 -14.00
C LEU A 104 5.53 -12.35 -15.48
N GLU A 105 4.76 -11.34 -15.88
CA GLU A 105 4.30 -11.24 -17.27
C GLU A 105 4.92 -10.05 -18.00
N LEU A 106 4.83 -10.09 -19.32
CA LEU A 106 5.30 -9.00 -20.17
C LEU A 106 4.11 -8.26 -20.76
N ARG A 107 4.18 -6.93 -20.79
CA ARG A 107 3.08 -6.13 -21.32
C ARG A 107 3.62 -4.91 -22.06
N GLU A 108 2.86 -4.45 -23.06
CA GLU A 108 3.26 -3.28 -23.82
C GLU A 108 2.43 -2.06 -23.45
N ALA A 109 3.12 -1.01 -23.01
CA ALA A 109 2.47 0.25 -22.67
C ALA A 109 2.92 1.37 -23.59
N SER A 110 1.97 2.14 -24.10
CA SER A 110 2.30 3.33 -24.87
C SER A 110 2.62 4.47 -23.93
N VAL A 111 3.58 5.31 -24.31
CA VAL A 111 3.97 6.43 -23.48
C VAL A 111 4.53 7.56 -24.35
N THR A 112 4.28 8.80 -23.94
CA THR A 112 4.70 9.95 -24.72
C THR A 112 5.61 10.86 -23.89
N PRO A 113 6.94 10.72 -24.09
CA PRO A 113 7.88 11.60 -23.40
C PRO A 113 7.62 13.06 -23.75
N SER A 114 7.76 13.96 -22.77
CA SER A 114 7.41 15.35 -22.99
C SER A 114 8.12 16.30 -22.01
N ASN A 115 8.31 17.55 -22.44
CA ASN A 115 8.73 18.60 -21.54
C ASN A 115 7.53 19.43 -21.09
N LEU A 116 6.39 19.18 -21.72
CA LEU A 116 5.21 20.03 -21.56
C LEU A 116 4.44 19.75 -20.28
N TRP A 117 4.96 18.82 -19.48
CA TRP A 117 4.41 18.53 -18.17
C TRP A 117 5.37 19.07 -17.13
N GLY A 118 4.83 19.63 -16.04
CA GLY A 118 5.67 20.32 -15.07
C GLY A 118 6.42 19.41 -14.13
N GLY A 119 7.46 18.76 -14.66
CA GLY A 119 8.26 17.84 -13.86
C GLY A 119 9.59 17.51 -14.49
N GLN A 120 10.50 16.95 -13.69
CA GLN A 120 11.84 16.61 -14.15
C GLN A 120 11.84 15.37 -15.04
N GLY A 121 12.44 15.50 -16.22
CA GLY A 121 12.58 14.39 -17.13
C GLY A 121 11.55 14.39 -18.23
N LEU A 122 11.73 13.49 -19.21
CA LEU A 122 10.77 13.34 -20.30
C LEU A 122 9.65 12.37 -19.92
N LEU A 123 9.98 11.36 -19.12
CA LEU A 123 8.97 10.41 -18.65
C LEU A 123 8.57 10.73 -17.22
N GLY A 124 9.49 11.36 -16.47
CA GLY A 124 9.26 11.65 -15.08
C GLY A 124 9.32 10.40 -14.25
N VAL A 125 10.38 9.63 -14.45
CA VAL A 125 10.54 8.34 -13.78
C VAL A 125 11.99 8.14 -13.40
N SER A 126 12.23 7.94 -12.11
CA SER A 126 13.56 7.56 -11.65
C SER A 126 13.78 6.08 -11.92
N ILE A 127 14.84 5.76 -12.64
CA ILE A 127 15.14 4.37 -12.95
C ILE A 127 16.57 3.97 -12.61
N ARG A 128 16.81 2.67 -12.62
CA ARG A 128 18.13 2.11 -12.38
CA ARG A 128 18.15 2.14 -12.44
C ARG A 128 18.29 0.81 -13.18
N PHE A 129 19.44 0.62 -13.81
CA PHE A 129 19.67 -0.59 -14.59
C PHE A 129 20.18 -1.73 -13.72
N CYS A 130 19.37 -2.78 -13.61
CA CYS A 130 19.77 -4.00 -12.91
C CYS A 130 18.97 -5.18 -13.42
N SER A 131 19.12 -6.32 -12.75
CA SER A 131 18.44 -7.55 -13.16
C SER A 131 17.16 -7.76 -12.36
N PHE A 132 16.16 -8.36 -13.00
CA PHE A 132 14.87 -8.56 -12.34
C PHE A 132 14.78 -9.95 -11.72
N ASP A 133 15.92 -10.64 -11.72
CA ASP A 133 16.06 -11.90 -10.99
C ASP A 133 15.83 -11.73 -9.50
N GLY A 134 14.73 -12.27 -9.00
CA GLY A 134 14.44 -12.27 -7.58
C GLY A 134 14.45 -10.87 -6.98
N ALA A 135 14.16 -9.87 -7.79
CA ALA A 135 14.19 -8.47 -7.35
C ALA A 135 13.18 -8.25 -6.23
N ASN A 136 12.15 -9.08 -6.22
CA ASN A 136 11.14 -9.05 -5.18
C ASN A 136 11.67 -9.57 -3.84
N GLU A 137 12.83 -10.23 -3.88
CA GLU A 137 13.39 -10.84 -2.68
C GLU A 137 14.38 -9.93 -1.95
N ASN A 138 14.95 -8.96 -2.67
CA ASN A 138 15.92 -8.06 -2.06
C ASN A 138 15.25 -6.80 -1.50
N VAL A 139 14.43 -7.00 -0.48
CA VAL A 139 13.70 -5.93 0.16
C VAL A 139 13.85 -6.01 1.69
N TRP A 140 14.04 -4.86 2.32
CA TRP A 140 14.14 -4.81 3.77
C TRP A 140 13.08 -3.91 4.39
N HIS A 141 12.23 -4.53 5.17
CA HIS A 141 11.09 -3.86 5.79
C HIS A 141 11.50 -3.11 7.04
N VAL A 142 11.22 -1.81 7.06
CA VAL A 142 11.53 -0.99 8.23
C VAL A 142 10.49 -1.24 9.30
N LEU A 143 10.91 -1.76 10.44
CA LEU A 143 9.98 -2.10 11.51
C LEU A 143 9.80 -0.92 12.45
N GLU A 144 10.18 -1.08 13.72
CA GLU A 144 10.01 0.03 14.66
C GLU A 144 11.06 1.11 14.39
N VAL A 145 10.79 2.34 14.81
CA VAL A 145 11.73 3.44 14.63
C VAL A 145 11.78 4.33 15.87
N GLU A 146 12.93 4.35 16.53
CA GLU A 146 13.12 5.15 17.73
C GLU A 146 13.08 6.65 17.46
N SER A 147 12.69 7.41 18.47
CA SER A 147 12.73 8.86 18.40
C SER A 147 14.17 9.35 18.26
N ASN A 148 14.37 10.36 17.44
CA ASN A 148 15.68 11.00 17.26
C ASN A 148 16.78 10.03 16.83
N SER A 149 16.38 8.89 16.26
CA SER A 149 17.33 7.95 15.68
C SER A 149 17.79 8.46 14.32
N PRO A 150 18.95 7.99 13.85
CA PRO A 150 19.38 8.27 12.46
C PRO A 150 18.28 7.97 11.45
N ALA A 151 17.63 6.81 11.60
CA ALA A 151 16.52 6.43 10.74
C ALA A 151 15.39 7.43 10.78
N ALA A 152 15.03 7.86 11.99
CA ALA A 152 13.92 8.79 12.18
C ALA A 152 14.21 10.14 11.52
N LEU A 153 15.37 10.70 11.84
CA LEU A 153 15.78 12.01 11.33
C LEU A 153 15.90 12.02 9.81
N ALA A 154 16.32 10.89 9.24
CA ALA A 154 16.48 10.79 7.80
C ALA A 154 15.13 10.83 7.07
N GLY A 155 14.12 10.21 7.67
CA GLY A 155 12.79 10.18 7.08
C GLY A 155 12.17 8.80 7.01
N LEU A 156 12.91 7.79 7.45
CA LEU A 156 12.36 6.43 7.51
C LEU A 156 11.21 6.40 8.49
N ARG A 157 10.15 5.68 8.14
CA ARG A 157 8.95 5.62 8.97
C ARG A 157 8.53 4.18 9.22
N PRO A 158 8.07 3.89 10.45
CA PRO A 158 7.82 2.51 10.88
C PRO A 158 6.75 1.77 10.06
N HIS A 159 7.11 0.57 9.62
CA HIS A 159 6.20 -0.41 9.02
C HIS A 159 5.68 -0.06 7.62
N SER A 160 5.53 1.23 7.33
CA SER A 160 5.05 1.64 6.02
C SER A 160 6.15 1.66 4.98
N ASP A 161 7.40 1.84 5.44
CA ASP A 161 8.53 1.96 4.54
C ASP A 161 9.29 0.66 4.31
N TYR A 162 9.72 0.46 3.07
CA TYR A 162 10.54 -0.69 2.69
C TYR A 162 11.80 -0.22 1.98
N ILE A 163 12.95 -0.61 2.49
CA ILE A 163 14.21 -0.27 1.83
C ILE A 163 14.49 -1.31 0.75
N ILE A 164 14.65 -0.85 -0.48
CA ILE A 164 14.83 -1.74 -1.61
C ILE A 164 16.22 -1.50 -2.16
N GLY A 165 17.02 -0.77 -1.40
CA GLY A 165 18.38 -0.50 -1.82
C GLY A 165 18.56 1.00 -1.88
N ALA A 166 19.61 1.43 -2.57
CA ALA A 166 20.93 0.84 -2.52
C ALA A 166 21.90 2.00 -2.52
N ASP A 167 21.87 2.61 -3.69
CA ASP A 167 22.64 3.74 -4.14
C ASP A 167 24.12 3.48 -4.10
N THR A 168 24.53 2.21 -4.07
CA THR A 168 25.88 1.88 -4.51
C THR A 168 27.00 2.71 -3.86
N VAL A 169 27.55 3.61 -4.69
CA VAL A 169 28.60 4.63 -4.45
C VAL A 169 30.13 4.32 -4.67
N MET A 170 30.63 3.14 -5.04
CA MET A 170 30.02 1.87 -5.39
C MET A 170 31.22 1.00 -5.68
N ASN A 171 31.08 -0.30 -5.48
CA ASN A 171 31.96 -1.34 -6.01
C ASN A 171 31.31 -2.64 -5.57
N GLU A 172 32.12 -3.70 -5.45
CA GLU A 172 31.63 -5.03 -5.09
C GLU A 172 30.48 -5.15 -4.10
N SER A 173 29.58 -6.06 -4.48
CA SER A 173 28.50 -6.60 -3.65
C SER A 173 27.71 -5.50 -2.99
N GLU A 174 27.76 -5.49 -1.66
CA GLU A 174 27.12 -4.45 -0.85
C GLU A 174 25.59 -4.24 -0.94
N ASP A 175 24.87 -5.16 -0.31
CA ASP A 175 23.43 -5.04 0.03
C ASP A 175 23.24 -4.93 1.55
N LEU A 176 22.07 -4.43 1.99
CA LEU A 176 21.92 -3.43 3.07
C LEU A 176 22.78 -3.53 4.34
N PHE A 177 22.66 -4.58 5.13
CA PHE A 177 23.50 -4.65 6.33
C PHE A 177 24.99 -4.62 5.93
N SER A 178 25.29 -5.23 4.79
CA SER A 178 26.64 -5.23 4.24
C SER A 178 26.95 -3.93 3.47
N LEU A 179 25.99 -3.02 3.45
CA LEU A 179 26.17 -1.62 3.02
C LEU A 179 26.64 -0.78 4.20
N ILE A 180 25.88 -0.87 5.28
CA ILE A 180 25.98 -0.04 6.46
C ILE A 180 27.17 -0.50 7.31
N GLU A 181 27.99 -1.41 6.79
CA GLU A 181 29.28 -1.68 7.45
C GLU A 181 30.25 -0.57 7.01
N THR A 182 29.90 0.12 5.93
CA THR A 182 30.61 1.30 5.44
C THR A 182 29.69 2.50 5.63
N HIS A 183 30.26 3.71 5.69
CA HIS A 183 29.49 4.96 5.90
C HIS A 183 29.27 5.23 7.39
N GLU A 184 29.83 4.40 8.26
CA GLU A 184 29.57 4.45 9.70
C GLU A 184 29.65 5.86 10.27
N ALA A 185 30.47 6.68 9.64
CA ALA A 185 30.55 8.10 9.95
C ALA A 185 29.70 8.93 8.98
N LYS A 186 30.09 8.88 7.72
CA LYS A 186 29.52 9.64 6.59
C LYS A 186 28.13 9.23 6.06
N PRO A 187 27.44 10.16 5.36
CA PRO A 187 26.11 9.96 4.76
C PRO A 187 25.97 8.83 3.72
N LEU A 188 24.72 8.41 3.54
CA LEU A 188 24.29 7.23 2.77
C LEU A 188 22.88 7.49 2.22
N LYS A 189 22.68 7.31 0.93
CA LYS A 189 21.35 7.52 0.36
C LYS A 189 20.70 6.18 0.00
N LEU A 190 19.43 6.03 0.37
CA LEU A 190 18.70 4.78 0.15
C LEU A 190 17.49 4.96 -0.77
N TYR A 191 17.06 3.87 -1.40
CA TYR A 191 15.83 3.84 -2.18
C TYR A 191 14.76 3.22 -1.29
N VAL A 192 13.73 4.00 -0.97
CA VAL A 192 12.73 3.55 -0.01
C VAL A 192 11.33 3.54 -0.60
N TYR A 193 10.69 2.38 -0.55
CA TYR A 193 9.34 2.22 -1.04
C TYR A 193 8.35 2.40 0.12
N ASN A 194 7.25 3.09 -0.16
CA ASN A 194 6.23 3.32 0.85
C ASN A 194 4.89 2.77 0.37
N THR A 195 4.26 1.94 1.18
CA THR A 195 3.07 1.21 0.77
C THR A 195 1.79 2.06 0.79
N ASP A 196 1.85 3.25 1.39
CA ASP A 196 0.74 4.19 1.28
C ASP A 196 0.80 4.93 -0.05
N THR A 197 1.95 5.52 -0.34
CA THR A 197 2.13 6.27 -1.58
C THR A 197 2.31 5.33 -2.76
N ASP A 198 2.70 4.09 -2.47
CA ASP A 198 3.00 3.09 -3.50
C ASP A 198 4.03 3.65 -4.47
N ASN A 199 5.12 4.18 -3.91
CA ASN A 199 6.12 4.87 -4.70
C ASN A 199 7.46 4.90 -3.99
N CYS A 200 8.53 5.07 -4.76
CA CYS A 200 9.87 5.09 -4.21
C CYS A 200 10.29 6.52 -3.91
N ARG A 201 11.18 6.68 -2.94
CA ARG A 201 11.76 7.99 -2.67
C ARG A 201 13.18 7.81 -2.19
N GLU A 202 14.00 8.83 -2.38
CA GLU A 202 15.40 8.74 -2.03
C GLU A 202 15.67 9.51 -0.74
N VAL A 203 16.24 8.80 0.23
CA VAL A 203 16.46 9.34 1.57
C VAL A 203 17.93 9.28 1.97
N ILE A 204 18.45 10.37 2.52
CA ILE A 204 19.83 10.43 2.98
C ILE A 204 19.94 10.04 4.44
N ILE A 205 20.47 8.85 4.69
CA ILE A 205 20.62 8.36 6.06
C ILE A 205 22.10 8.30 6.41
N THR A 206 22.43 8.70 7.63
CA THR A 206 23.80 8.65 8.09
C THR A 206 23.96 7.82 9.35
N PRO A 207 24.57 6.62 9.20
CA PRO A 207 24.70 5.66 10.31
C PRO A 207 25.57 6.19 11.45
N ASN A 208 25.31 5.68 12.65
CA ASN A 208 26.05 6.05 13.85
C ASN A 208 25.80 4.99 14.92
N SER A 209 26.75 4.06 15.07
CA SER A 209 26.60 2.95 16.00
C SER A 209 26.53 3.41 17.45
N ALA A 210 26.92 4.66 17.68
CA ALA A 210 26.87 5.25 19.02
C ALA A 210 25.89 6.41 19.07
N TRP A 211 24.79 6.30 18.33
CA TRP A 211 23.82 7.38 18.25
C TRP A 211 23.07 7.56 19.57
N GLY A 212 23.04 6.50 20.37
CA GLY A 212 22.43 6.56 21.68
C GLY A 212 21.25 5.61 21.80
N GLY A 213 21.31 4.52 21.04
CA GLY A 213 20.23 3.55 21.03
C GLY A 213 20.50 2.32 20.19
N GLU A 214 19.43 1.72 19.71
CA GLU A 214 19.46 0.46 18.98
C GLU A 214 20.24 0.53 17.67
N GLY A 215 21.12 -0.45 17.46
CA GLY A 215 21.88 -0.57 16.22
C GLY A 215 22.60 0.69 15.77
N SER A 216 22.65 0.89 14.46
CA SER A 216 23.31 2.05 13.89
C SER A 216 22.32 2.97 13.17
N LEU A 217 21.09 2.50 13.01
CA LEU A 217 20.04 3.31 12.41
C LEU A 217 18.95 3.65 13.43
N GLY A 218 18.82 2.81 14.45
CA GLY A 218 17.79 3.00 15.45
C GLY A 218 16.44 2.56 14.93
N CYS A 219 16.45 1.56 14.06
CA CYS A 219 15.21 0.99 13.55
C CYS A 219 15.29 -0.53 13.46
N GLY A 220 14.13 -1.16 13.27
CA GLY A 220 14.07 -2.60 13.11
C GLY A 220 14.00 -2.99 11.64
N ILE A 221 14.50 -4.18 11.32
CA ILE A 221 14.53 -4.65 9.94
C ILE A 221 13.89 -6.01 9.81
N GLY A 222 13.01 -6.16 8.81
CA GLY A 222 12.41 -7.44 8.52
C GLY A 222 12.81 -7.92 7.13
N TYR A 223 13.07 -9.21 7.01
CA TYR A 223 13.39 -9.81 5.72
C TYR A 223 12.65 -11.13 5.54
N GLY A 224 12.07 -11.31 4.37
CA GLY A 224 11.39 -12.56 4.06
C GLY A 224 9.95 -12.42 3.61
N TYR A 225 9.27 -13.55 3.50
CA TYR A 225 7.87 -13.60 3.06
C TYR A 225 6.96 -12.73 3.94
N LEU A 226 7.28 -12.65 5.23
CA LEU A 226 6.50 -11.85 6.16
C LEU A 226 6.78 -10.36 6.03
N HIS A 227 7.72 -10.00 5.16
CA HIS A 227 8.19 -8.63 5.10
C HIS A 227 8.48 -8.21 3.66
N ARG A 228 7.66 -8.71 2.74
CA ARG A 228 7.71 -8.31 1.35
C ARG A 228 6.83 -7.10 1.10
N ILE A 229 7.01 -6.49 -0.07
CA ILE A 229 6.09 -5.45 -0.54
C ILE A 229 4.80 -6.14 -0.97
N PRO A 230 3.66 -5.69 -0.44
CA PRO A 230 2.36 -6.35 -0.57
C PRO A 230 1.87 -6.52 -2.01
N THR A 231 1.11 -7.59 -2.24
CA THR A 231 0.60 -7.93 -3.57
C THR A 231 -0.91 -8.15 -3.52
N ARG A 232 -1.61 -7.60 -4.51
CA ARG A 232 -3.05 -7.80 -4.62
C ARG A 232 -3.37 -9.27 -4.88
N PRO A 233 -4.60 -9.72 -4.56
CA PRO A 233 -4.92 -11.14 -4.75
C PRO A 233 -4.94 -11.59 -6.21
N PHE A 234 -5.41 -10.74 -7.12
CA PHE A 234 -5.52 -11.14 -8.52
C PHE A 234 -4.99 -10.05 -9.45
N GLU A 235 -4.48 -10.46 -10.61
CA GLU A 235 -4.00 -9.52 -11.61
C GLU A 235 -5.15 -8.96 -12.44
N GLU B 12 7.40 -4.16 43.75
CA GLU B 12 7.45 -4.46 42.32
C GLU B 12 8.83 -4.97 41.94
N SER B 13 9.77 -4.93 42.88
CA SER B 13 11.17 -5.25 42.62
C SER B 13 11.72 -4.26 41.59
N THR B 14 12.82 -4.64 40.94
CA THR B 14 13.36 -3.83 39.85
C THR B 14 12.98 -4.41 38.49
N SER B 15 12.14 -3.68 37.77
CA SER B 15 11.68 -4.08 36.45
C SER B 15 12.85 -4.20 35.49
N LEU B 16 12.85 -5.25 34.68
CA LEU B 16 13.90 -5.47 33.69
C LEU B 16 13.54 -4.76 32.39
N TYR B 17 12.53 -3.90 32.47
CA TYR B 17 12.08 -3.13 31.33
C TYR B 17 12.08 -1.64 31.64
N LYS B 18 12.18 -0.83 30.59
CA LYS B 18 12.17 0.61 30.73
C LYS B 18 11.34 1.22 29.61
N LYS B 19 11.13 2.52 29.67
CA LYS B 19 10.35 3.20 28.65
C LYS B 19 11.25 3.83 27.59
N ALA B 20 10.80 3.81 26.34
CA ALA B 20 11.56 4.39 25.24
C ALA B 20 10.63 5.06 24.23
N GLY B 21 11.16 6.03 23.49
CA GLY B 21 10.38 6.75 22.50
C GLY B 21 10.42 6.09 21.13
N PHE B 22 9.25 5.97 20.52
CA PHE B 22 9.13 5.41 19.17
C PHE B 22 8.14 6.20 18.33
N LEU B 23 8.35 6.19 17.02
CA LEU B 23 7.47 6.89 16.12
C LEU B 23 6.21 6.07 15.84
N VAL B 24 5.06 6.72 15.95
CA VAL B 24 3.78 6.09 15.67
C VAL B 24 2.94 7.06 14.84
N PRO B 25 1.96 6.52 14.08
CA PRO B 25 1.11 7.38 13.24
C PRO B 25 0.30 8.38 14.05
N ARG B 26 0.07 9.58 13.51
CA ARG B 26 -0.74 10.58 14.18
C ARG B 26 -2.12 10.05 14.53
N GLY B 27 -2.67 9.23 13.64
CA GLY B 27 -3.98 8.65 13.82
C GLY B 27 -4.07 7.53 14.83
N SER B 28 -3.26 7.60 15.90
CA SER B 28 -3.31 6.56 16.91
C SER B 28 -3.23 7.04 18.36
N GLY B 29 -4.09 6.46 19.20
CA GLY B 29 -3.90 6.35 20.64
C GLY B 29 -4.14 7.59 21.47
N SER B 30 -5.21 8.33 21.15
CA SER B 30 -5.52 9.53 21.92
C SER B 30 -7.01 9.54 22.28
N SER B 31 -7.51 10.56 22.98
CA SER B 31 -8.96 10.73 23.02
C SER B 31 -9.44 11.84 22.06
N GLN B 32 -10.11 11.49 20.95
CA GLN B 32 -10.61 12.48 19.97
C GLN B 32 -12.03 12.19 19.52
N SER B 33 -12.91 13.13 19.84
CA SER B 33 -14.24 13.18 19.24
C SER B 33 -14.23 14.21 18.12
N VAL B 34 -13.03 14.76 17.85
CA VAL B 34 -12.75 15.61 16.69
C VAL B 34 -13.37 17.03 16.79
N GLU B 35 -12.95 17.90 15.87
CA GLU B 35 -13.31 19.32 15.72
C GLU B 35 -14.21 19.64 14.52
N ILE B 36 -15.02 18.67 14.11
CA ILE B 36 -15.87 18.79 12.92
C ILE B 36 -16.99 19.85 13.03
N PRO B 37 -17.12 20.71 12.00
CA PRO B 37 -18.23 21.68 11.98
C PRO B 37 -19.58 20.98 11.86
N GLY B 38 -20.58 21.50 12.57
CA GLY B 38 -21.91 20.90 12.58
C GLY B 38 -22.10 19.86 13.67
N GLY B 39 -21.05 19.64 14.47
CA GLY B 39 -21.11 18.67 15.55
C GLY B 39 -21.26 17.24 15.09
N GLY B 40 -21.45 16.34 16.05
CA GLY B 40 -21.58 14.92 15.75
C GLY B 40 -20.23 14.23 15.83
N THR B 41 -20.21 12.91 15.69
CA THR B 41 -18.92 12.20 15.63
C THR B 41 -18.99 11.08 14.61
N GLU B 42 -20.07 11.05 13.84
CA GLU B 42 -20.27 10.00 12.86
C GLU B 42 -20.43 10.57 11.45
N GLY B 43 -20.07 9.76 10.45
CA GLY B 43 -20.14 10.17 9.07
C GLY B 43 -20.22 8.95 8.18
N TYR B 44 -19.98 9.12 6.89
CA TYR B 44 -20.01 7.99 5.98
C TYR B 44 -18.60 7.50 5.67
N HIS B 45 -18.28 6.32 6.19
CA HIS B 45 -16.97 5.72 5.99
C HIS B 45 -16.81 5.30 4.54
N VAL B 46 -15.78 5.81 3.89
CA VAL B 46 -15.55 5.47 2.49
C VAL B 46 -14.82 4.13 2.38
N LEU B 47 -15.51 3.12 1.88
CA LEU B 47 -14.92 1.82 1.68
C LEU B 47 -14.37 1.68 0.27
N ARG B 48 -15.04 0.88 -0.56
CA ARG B 48 -14.54 0.66 -1.91
C ARG B 48 -14.79 1.86 -2.82
N VAL B 49 -13.76 2.26 -3.56
CA VAL B 49 -13.88 3.31 -4.56
C VAL B 49 -13.59 2.74 -5.94
N GLN B 50 -14.61 2.74 -6.80
CA GLN B 50 -14.47 2.16 -8.14
C GLN B 50 -13.54 2.99 -8.99
N GLU B 51 -12.83 2.33 -9.91
CA GLU B 51 -11.89 3.01 -10.79
C GLU B 51 -12.65 3.76 -11.87
N ASN B 52 -12.06 4.84 -12.36
CA ASN B 52 -12.67 5.67 -13.40
C ASN B 52 -14.05 6.18 -12.97
N SER B 53 -14.17 6.49 -11.69
CA SER B 53 -15.43 6.97 -11.13
C SER B 53 -15.31 8.44 -10.74
N PRO B 54 -16.46 9.12 -10.58
CA PRO B 54 -16.44 10.47 -10.01
C PRO B 54 -15.74 10.51 -8.65
N GLY B 55 -16.06 9.53 -7.80
CA GLY B 55 -15.43 9.39 -6.49
C GLY B 55 -13.92 9.34 -6.56
N HIS B 56 -13.40 8.52 -7.46
CA HIS B 56 -11.96 8.39 -7.67
C HIS B 56 -11.35 9.73 -8.06
N ARG B 57 -11.96 10.37 -9.06
CA ARG B 57 -11.51 11.67 -9.54
C ARG B 57 -11.52 12.73 -8.44
N ALA B 58 -12.49 12.62 -7.53
CA ALA B 58 -12.63 13.59 -6.45
C ALA B 58 -11.53 13.41 -5.39
N GLY B 59 -10.85 12.27 -5.44
CA GLY B 59 -9.73 12.01 -4.56
C GLY B 59 -10.06 11.30 -3.26
N LEU B 60 -11.26 10.71 -3.18
CA LEU B 60 -11.66 9.99 -1.98
C LEU B 60 -10.83 8.72 -1.81
N GLU B 61 -10.00 8.67 -0.76
CA GLU B 61 -9.21 7.49 -0.48
C GLU B 61 -9.94 6.56 0.49
N PRO B 62 -10.13 5.30 0.09
CA PRO B 62 -10.74 4.21 0.86
C PRO B 62 -10.20 4.09 2.28
N PHE B 63 -11.09 3.70 3.19
CA PHE B 63 -10.80 3.48 4.62
C PHE B 63 -10.47 4.76 5.41
N PHE B 64 -9.61 5.60 4.86
CA PHE B 64 -9.14 6.77 5.60
C PHE B 64 -10.10 7.96 5.57
N ASP B 65 -10.96 8.00 4.55
CA ASP B 65 -11.85 9.15 4.38
C ASP B 65 -13.26 8.90 4.93
N PHE B 66 -13.79 9.93 5.58
CA PHE B 66 -15.17 9.94 6.05
C PHE B 66 -15.88 11.16 5.48
N ILE B 67 -17.02 10.96 4.84
CA ILE B 67 -17.82 12.09 4.37
C ILE B 67 -18.70 12.58 5.52
N VAL B 68 -18.53 13.85 5.89
CA VAL B 68 -19.25 14.39 7.04
C VAL B 68 -20.32 15.39 6.59
N SER B 69 -20.02 16.18 5.58
CA SER B 69 -20.98 17.14 5.06
C SER B 69 -20.97 17.17 3.53
N ILE B 70 -22.12 17.52 2.96
CA ILE B 70 -22.26 17.69 1.52
C ILE B 70 -23.07 18.95 1.23
N ASN B 71 -22.43 19.91 0.55
CA ASN B 71 -23.02 21.22 0.29
C ASN B 71 -23.52 21.90 1.57
N GLY B 72 -22.77 21.76 2.65
CA GLY B 72 -23.08 22.42 3.90
C GLY B 72 -23.95 21.60 4.84
N SER B 73 -24.59 20.56 4.31
CA SER B 73 -25.46 19.72 5.12
C SER B 73 -24.69 18.64 5.86
N ARG B 74 -24.75 18.70 7.19
CA ARG B 74 -24.09 17.72 8.04
C ARG B 74 -24.79 16.37 7.96
N LEU B 75 -24.00 15.30 7.83
CA LEU B 75 -24.54 13.94 7.73
C LEU B 75 -24.41 13.18 9.05
N ASN B 76 -25.29 13.49 10.01
CA ASN B 76 -25.27 12.84 11.31
C ASN B 76 -26.28 11.71 11.43
N LYS B 77 -26.93 11.38 10.33
CA LYS B 77 -27.93 10.32 10.33
C LYS B 77 -27.77 9.36 9.16
N ASP B 78 -28.09 8.10 9.39
CA ASP B 78 -28.09 7.12 8.32
C ASP B 78 -29.43 7.19 7.60
N ASN B 79 -29.57 8.20 6.75
CA ASN B 79 -30.80 8.39 5.99
C ASN B 79 -30.50 8.56 4.50
N ASP B 80 -31.52 8.95 3.73
CA ASP B 80 -31.41 9.05 2.29
C ASP B 80 -30.92 10.42 1.83
N THR B 81 -30.51 11.25 2.77
CA THR B 81 -30.09 12.61 2.48
C THR B 81 -28.94 12.66 1.46
N LEU B 82 -27.91 11.87 1.70
CA LEU B 82 -26.73 11.89 0.83
C LEU B 82 -27.05 11.52 -0.62
N LYS B 83 -27.82 10.46 -0.85
CA LYS B 83 -28.22 10.09 -2.21
C LYS B 83 -29.18 11.11 -2.81
N ASP B 84 -30.14 11.57 -2.01
CA ASP B 84 -31.11 12.56 -2.46
C ASP B 84 -30.40 13.84 -2.92
N LEU B 85 -29.42 14.29 -2.14
CA LEU B 85 -28.65 15.47 -2.50
C LEU B 85 -27.84 15.24 -3.77
N LEU B 86 -27.29 14.04 -3.91
CA LEU B 86 -26.53 13.67 -5.10
C LEU B 86 -27.44 13.59 -6.33
N LYS B 87 -28.62 13.01 -6.15
CA LYS B 87 -29.60 12.92 -7.23
C LYS B 87 -29.98 14.31 -7.73
N ALA B 88 -30.18 15.24 -6.80
CA ALA B 88 -30.63 16.59 -7.13
C ALA B 88 -29.57 17.40 -7.87
N ASN B 89 -28.29 17.12 -7.60
CA ASN B 89 -27.21 17.88 -8.21
C ASN B 89 -26.42 17.05 -9.23
N VAL B 90 -27.08 16.02 -9.77
CA VAL B 90 -26.46 15.17 -10.77
C VAL B 90 -25.89 15.97 -11.95
N GLU B 91 -24.70 15.58 -12.39
CA GLU B 91 -23.97 16.19 -13.51
C GLU B 91 -23.50 17.63 -13.29
N LYS B 92 -23.67 18.19 -12.10
CA LYS B 92 -23.04 19.46 -11.76
C LYS B 92 -22.21 19.27 -10.47
N PRO B 93 -21.21 20.12 -10.21
CA PRO B 93 -20.37 19.86 -9.03
C PRO B 93 -21.04 20.08 -7.67
N VAL B 94 -20.66 19.20 -6.75
CA VAL B 94 -21.11 19.23 -5.37
C VAL B 94 -19.90 19.33 -4.46
N LYS B 95 -20.04 20.04 -3.35
CA LYS B 95 -18.94 20.16 -2.40
C LYS B 95 -19.14 19.24 -1.20
N MET B 96 -18.15 18.40 -0.94
CA MET B 96 -18.21 17.48 0.18
C MET B 96 -17.14 17.85 1.20
N LEU B 97 -17.52 17.85 2.46
CA LEU B 97 -16.55 18.01 3.53
C LEU B 97 -16.07 16.64 3.94
N ILE B 98 -14.77 16.42 3.88
CA ILE B 98 -14.21 15.09 4.14
C ILE B 98 -13.23 15.11 5.30
N TYR B 99 -13.39 14.16 6.22
CA TYR B 99 -12.47 14.01 7.32
C TYR B 99 -11.55 12.82 7.08
N SER B 100 -10.25 13.03 7.32
CA SER B 100 -9.27 11.97 7.14
C SER B 100 -8.79 11.43 8.48
N SER B 101 -8.94 10.12 8.68
CA SER B 101 -8.43 9.49 9.89
C SER B 101 -6.90 9.40 9.82
N LYS B 102 -6.37 9.64 8.63
CA LYS B 102 -4.93 9.63 8.40
C LYS B 102 -4.28 10.93 8.87
N THR B 103 -4.83 12.05 8.44
CA THR B 103 -4.24 13.35 8.75
C THR B 103 -4.95 14.06 9.89
N LEU B 104 -6.09 13.52 10.31
CA LEU B 104 -6.94 14.10 11.36
C LEU B 104 -7.41 15.50 10.97
N GLU B 105 -7.36 15.80 9.67
CA GLU B 105 -7.75 17.12 9.18
C GLU B 105 -9.02 17.04 8.33
N LEU B 106 -9.63 18.20 8.12
CA LEU B 106 -10.81 18.30 7.28
C LEU B 106 -10.50 19.01 5.96
N ARG B 107 -11.05 18.50 4.87
CA ARG B 107 -10.81 19.08 3.56
C ARG B 107 -12.08 19.03 2.71
N GLU B 108 -12.21 20.00 1.80
CA GLU B 108 -13.35 20.06 0.91
C GLU B 108 -12.97 19.61 -0.49
N ALA B 109 -13.68 18.60 -0.99
CA ALA B 109 -13.45 18.10 -2.33
C ALA B 109 -14.68 18.32 -3.19
N SER B 110 -14.47 18.86 -4.39
CA SER B 110 -15.55 18.98 -5.36
C SER B 110 -15.73 17.66 -6.05
N VAL B 111 -16.99 17.33 -6.38
CA VAL B 111 -17.27 16.05 -7.04
C VAL B 111 -18.54 16.19 -7.88
N THR B 112 -18.57 15.49 -9.00
CA THR B 112 -19.70 15.56 -9.92
C THR B 112 -20.35 14.20 -10.14
N PRO B 113 -21.44 13.93 -9.41
CA PRO B 113 -22.24 12.72 -9.58
C PRO B 113 -22.79 12.63 -11.00
N SER B 114 -22.89 11.42 -11.54
CA SER B 114 -23.29 11.27 -12.93
C SER B 114 -23.96 9.92 -13.20
N ASN B 115 -24.82 9.89 -14.21
CA ASN B 115 -25.35 8.64 -14.71
C ASN B 115 -24.57 8.21 -15.94
N LEU B 116 -23.75 9.12 -16.46
CA LEU B 116 -23.10 8.93 -17.75
C LEU B 116 -21.84 8.07 -17.69
N TRP B 117 -21.49 7.57 -16.51
CA TRP B 117 -20.33 6.70 -16.43
C TRP B 117 -20.75 5.25 -16.17
N GLY B 118 -20.06 4.32 -16.79
CA GLY B 118 -20.44 2.92 -16.76
C GLY B 118 -20.05 2.23 -15.47
N GLY B 119 -20.75 2.53 -14.39
CA GLY B 119 -20.46 1.95 -13.10
C GLY B 119 -21.61 2.09 -12.13
N GLN B 120 -21.56 1.32 -11.05
CA GLN B 120 -22.64 1.34 -10.05
C GLN B 120 -22.59 2.59 -9.20
N GLY B 121 -23.71 3.30 -9.14
CA GLY B 121 -23.81 4.48 -8.30
C GLY B 121 -23.63 5.78 -9.07
N LEU B 122 -23.86 6.89 -8.39
CA LEU B 122 -23.65 8.21 -8.98
C LEU B 122 -22.21 8.63 -8.82
N LEU B 123 -21.61 8.22 -7.70
CA LEU B 123 -20.21 8.49 -7.42
C LEU B 123 -19.32 7.27 -7.65
N GLY B 124 -19.91 6.09 -7.53
CA GLY B 124 -19.16 4.85 -7.64
C GLY B 124 -18.29 4.62 -6.43
N VAL B 125 -18.90 4.71 -5.26
CA VAL B 125 -18.18 4.61 -3.99
C VAL B 125 -19.01 3.84 -2.97
N SER B 126 -18.44 2.77 -2.43
CA SER B 126 -19.07 2.04 -1.34
C SER B 126 -18.85 2.79 -0.04
N ILE B 127 -19.94 3.08 0.67
CA ILE B 127 -19.84 3.77 1.95
C ILE B 127 -20.62 3.08 3.06
N ARG B 128 -20.34 3.48 4.29
CA ARG B 128 -21.01 2.92 5.46
C ARG B 128 -21.01 3.94 6.59
N PHE B 129 -22.15 4.09 7.25
CA PHE B 129 -22.29 5.10 8.30
C PHE B 129 -21.82 4.56 9.65
N CYS B 130 -20.74 5.16 10.17
CA CYS B 130 -20.24 4.82 11.50
C CYS B 130 -19.42 5.98 12.08
N SER B 131 -18.75 5.72 13.20
CA SER B 131 -17.97 6.76 13.86
C SER B 131 -16.49 6.66 13.52
N PHE B 132 -15.83 7.81 13.41
CA PHE B 132 -14.43 7.85 13.01
C PHE B 132 -13.46 7.97 14.18
N ASP B 133 -13.96 7.95 15.41
CA ASP B 133 -13.10 7.90 16.58
C ASP B 133 -12.31 6.58 16.64
N GLY B 134 -10.99 6.69 16.52
CA GLY B 134 -10.10 5.54 16.62
C GLY B 134 -10.37 4.47 15.58
N ALA B 135 -10.91 4.89 14.44
CA ALA B 135 -11.24 3.98 13.35
C ALA B 135 -9.99 3.28 12.80
N ASN B 136 -8.85 3.94 12.95
CA ASN B 136 -7.56 3.38 12.53
C ASN B 136 -7.11 2.21 13.40
N GLU B 137 -7.74 2.06 14.56
CA GLU B 137 -7.35 1.01 15.51
C GLU B 137 -8.14 -0.27 15.31
N ASN B 138 -9.29 -0.18 14.65
CA ASN B 138 -10.12 -1.35 14.44
C ASN B 138 -9.75 -2.02 13.13
N VAL B 139 -8.53 -2.52 13.08
CA VAL B 139 -7.98 -3.18 11.90
C VAL B 139 -7.34 -4.50 12.32
N TRP B 140 -7.52 -5.54 11.53
CA TRP B 140 -6.95 -6.83 11.85
C TRP B 140 -6.05 -7.28 10.71
N HIS B 141 -4.75 -7.36 10.96
CA HIS B 141 -3.81 -7.68 9.89
C HIS B 141 -3.74 -9.19 9.64
N VAL B 142 -4.00 -9.58 8.40
CA VAL B 142 -3.93 -10.98 8.02
C VAL B 142 -2.48 -11.40 7.83
N LEU B 143 -2.02 -12.34 8.64
CA LEU B 143 -0.62 -12.76 8.60
C LEU B 143 -0.45 -13.93 7.62
N GLU B 144 -0.02 -15.09 8.11
CA GLU B 144 0.16 -16.24 7.23
C GLU B 144 -1.20 -16.80 6.84
N VAL B 145 -1.26 -17.53 5.73
CA VAL B 145 -2.51 -18.16 5.28
C VAL B 145 -2.26 -19.56 4.75
N GLU B 146 -2.82 -20.57 5.43
CA GLU B 146 -2.65 -21.95 5.03
C GLU B 146 -3.36 -22.27 3.71
N SER B 147 -2.82 -23.25 2.99
CA SER B 147 -3.46 -23.77 1.78
C SER B 147 -4.81 -24.41 2.09
N ASN B 148 -5.77 -24.19 1.20
CA ASN B 148 -7.11 -24.78 1.31
C ASN B 148 -7.80 -24.46 2.64
N SER B 149 -7.34 -23.40 3.29
CA SER B 149 -7.98 -22.88 4.49
C SER B 149 -9.23 -22.08 4.11
N PRO B 150 -10.16 -21.91 5.07
CA PRO B 150 -11.28 -21.00 4.87
C PRO B 150 -10.84 -19.62 4.37
N ALA B 151 -9.78 -19.09 5.00
CA ALA B 151 -9.22 -17.80 4.59
C ALA B 151 -8.74 -17.85 3.14
N ALA B 152 -8.06 -18.93 2.77
CA ALA B 152 -7.51 -19.08 1.44
C ALA B 152 -8.60 -19.12 0.38
N LEU B 153 -9.58 -20.00 0.58
CA LEU B 153 -10.67 -20.16 -0.37
C LEU B 153 -11.53 -18.91 -0.50
N ALA B 154 -11.67 -18.17 0.60
CA ALA B 154 -12.49 -16.97 0.62
C ALA B 154 -11.88 -15.85 -0.21
N GLY B 155 -10.55 -15.77 -0.20
CA GLY B 155 -9.84 -14.76 -0.97
C GLY B 155 -8.85 -13.94 -0.17
N LEU B 156 -8.79 -14.21 1.13
CA LEU B 156 -7.81 -13.54 1.99
C LEU B 156 -6.39 -13.91 1.57
N ARG B 157 -5.51 -12.92 1.58
CA ARG B 157 -4.13 -13.11 1.14
C ARG B 157 -3.16 -12.59 2.19
N PRO B 158 -2.04 -13.30 2.39
CA PRO B 158 -1.10 -13.02 3.48
C PRO B 158 -0.47 -11.63 3.44
N HIS B 159 -0.54 -10.94 4.57
CA HIS B 159 0.18 -9.67 4.82
C HIS B 159 -0.34 -8.47 4.02
N SER B 160 -0.87 -8.72 2.84
CA SER B 160 -1.38 -7.63 2.01
C SER B 160 -2.78 -7.20 2.44
N ASP B 161 -3.52 -8.13 3.02
CA ASP B 161 -4.91 -7.86 3.41
C ASP B 161 -5.07 -7.48 4.87
N TYR B 162 -5.97 -6.51 5.10
CA TYR B 162 -6.34 -6.08 6.44
C TYR B 162 -7.85 -6.13 6.60
N ILE B 163 -8.32 -6.83 7.62
CA ILE B 163 -9.75 -6.87 7.90
C ILE B 163 -10.13 -5.64 8.70
N ILE B 164 -11.05 -4.85 8.16
CA ILE B 164 -11.40 -3.55 8.73
C ILE B 164 -12.84 -3.52 9.22
N GLY B 165 -13.40 -4.70 9.41
CA GLY B 165 -14.74 -4.88 9.93
C GLY B 165 -15.58 -5.84 9.12
N ALA B 166 -16.86 -5.96 9.47
CA ALA B 166 -17.71 -6.97 8.85
C ALA B 166 -19.15 -6.50 8.68
N ASP B 167 -19.84 -7.05 7.68
CA ASP B 167 -21.28 -6.81 7.49
C ASP B 167 -22.10 -7.73 8.32
N THR B 168 -23.05 -7.21 9.10
CA THR B 168 -23.32 -8.02 10.25
C THR B 168 -24.81 -8.31 10.52
N VAL B 169 -24.96 -9.31 11.37
CA VAL B 169 -26.23 -9.91 11.74
C VAL B 169 -26.93 -9.26 12.92
N MET B 170 -26.40 -8.14 13.42
CA MET B 170 -26.61 -7.63 14.78
C MET B 170 -25.94 -8.53 15.81
N ASN B 171 -24.69 -8.90 15.52
CA ASN B 171 -23.76 -9.49 16.49
C ASN B 171 -22.87 -8.43 17.16
N GLU B 172 -23.01 -8.14 18.45
CA GLU B 172 -22.14 -7.14 19.12
C GLU B 172 -21.25 -7.71 20.26
N SER B 173 -20.03 -7.21 20.47
CA SER B 173 -19.29 -6.29 19.62
C SER B 173 -18.65 -7.14 18.55
N GLU B 174 -18.44 -6.61 17.35
CA GLU B 174 -17.80 -7.48 16.39
C GLU B 174 -16.44 -6.89 16.19
N ASP B 175 -15.63 -7.57 16.96
CA ASP B 175 -14.23 -7.67 16.87
C ASP B 175 -14.12 -9.01 16.21
N LEU B 176 -13.10 -9.15 15.39
CA LEU B 176 -13.04 -10.22 14.42
C LEU B 176 -13.37 -11.56 15.05
N PHE B 177 -12.64 -11.88 16.11
CA PHE B 177 -12.74 -13.17 16.79
C PHE B 177 -14.11 -13.58 17.34
N SER B 178 -14.87 -12.63 17.89
CA SER B 178 -16.18 -12.98 18.47
C SER B 178 -17.24 -13.17 17.38
N LEU B 179 -16.85 -12.92 16.14
CA LEU B 179 -17.67 -13.28 14.99
C LEU B 179 -17.47 -14.73 14.55
N ILE B 180 -16.21 -15.16 14.59
CA ILE B 180 -15.82 -16.41 13.96
C ILE B 180 -16.35 -17.67 14.65
N GLU B 181 -16.56 -17.64 15.96
CA GLU B 181 -17.23 -18.76 16.62
C GLU B 181 -18.76 -18.67 16.62
N THR B 182 -19.31 -17.49 16.33
CA THR B 182 -20.76 -17.34 16.21
C THR B 182 -21.25 -17.73 14.81
N HIS B 183 -20.41 -17.46 13.82
CA HIS B 183 -20.69 -17.75 12.42
C HIS B 183 -20.13 -19.12 12.01
N GLU B 184 -19.68 -19.86 13.01
CA GLU B 184 -19.00 -21.15 12.85
C GLU B 184 -19.73 -22.11 11.90
N ALA B 185 -21.04 -21.93 11.75
CA ALA B 185 -21.79 -22.77 10.83
C ALA B 185 -21.63 -22.30 9.38
N LYS B 186 -22.05 -21.08 9.07
CA LYS B 186 -21.95 -20.54 7.73
C LYS B 186 -21.58 -19.03 7.79
N PRO B 187 -21.12 -18.43 6.67
CA PRO B 187 -20.70 -17.01 6.68
C PRO B 187 -21.81 -16.06 7.16
N LEU B 188 -21.60 -14.83 7.64
CA LEU B 188 -20.37 -14.00 7.83
C LEU B 188 -19.70 -13.42 6.57
N LYS B 189 -19.80 -12.09 6.45
CA LYS B 189 -19.19 -11.32 5.37
C LYS B 189 -18.19 -10.32 5.93
N LEU B 190 -17.03 -10.18 5.31
CA LEU B 190 -16.02 -9.24 5.80
C LEU B 190 -15.67 -8.12 4.82
N TYR B 191 -15.26 -6.99 5.37
CA TYR B 191 -14.71 -5.88 4.59
C TYR B 191 -13.19 -5.88 4.70
N VAL B 192 -12.51 -6.05 3.58
CA VAL B 192 -11.06 -6.27 3.59
C VAL B 192 -10.28 -5.24 2.79
N TYR B 193 -9.33 -4.58 3.46
CA TYR B 193 -8.45 -3.61 2.79
C TYR B 193 -7.15 -4.25 2.34
N ASN B 194 -6.71 -3.89 1.13
CA ASN B 194 -5.47 -4.40 0.57
C ASN B 194 -4.52 -3.25 0.25
N THR B 195 -3.29 -3.34 0.72
CA THR B 195 -2.35 -2.23 0.62
C THR B 195 -1.71 -2.08 -0.77
N ASP B 196 -1.89 -3.07 -1.63
CA ASP B 196 -1.48 -2.93 -3.02
C ASP B 196 -2.52 -2.13 -3.80
N THR B 197 -3.78 -2.58 -3.72
CA THR B 197 -4.87 -1.90 -4.43
C THR B 197 -5.29 -0.62 -3.72
N ASP B 198 -4.97 -0.53 -2.43
CA ASP B 198 -5.38 0.60 -1.59
C ASP B 198 -6.89 0.80 -1.70
N ASN B 199 -7.64 -0.28 -1.51
CA ASN B 199 -9.07 -0.25 -1.72
C ASN B 199 -9.75 -1.39 -0.97
N CYS B 200 -11.04 -1.24 -0.69
CA CYS B 200 -11.76 -2.25 0.07
C CYS B 200 -12.45 -3.23 -0.85
N ARG B 201 -12.67 -4.44 -0.35
CA ARG B 201 -13.44 -5.45 -1.07
C ARG B 201 -14.17 -6.32 -0.06
N GLU B 202 -15.25 -6.95 -0.50
CA GLU B 202 -16.08 -7.74 0.39
C GLU B 202 -15.77 -9.22 0.25
N VAL B 203 -15.49 -9.87 1.37
CA VAL B 203 -15.08 -11.27 1.35
C VAL B 203 -16.04 -12.12 2.17
N ILE B 204 -16.55 -13.19 1.54
CA ILE B 204 -17.43 -14.13 2.20
C ILE B 204 -16.63 -15.33 2.70
N ILE B 205 -16.42 -15.40 4.01
CA ILE B 205 -15.63 -16.47 4.60
C ILE B 205 -16.52 -17.39 5.45
N THR B 206 -16.24 -18.70 5.42
CA THR B 206 -16.99 -19.64 6.23
C THR B 206 -16.07 -20.32 7.23
N PRO B 207 -16.18 -19.91 8.50
CA PRO B 207 -15.33 -20.40 9.58
C PRO B 207 -15.56 -21.89 9.85
N ASN B 208 -14.53 -22.57 10.33
CA ASN B 208 -14.61 -23.99 10.60
C ASN B 208 -13.45 -24.42 11.50
N SER B 209 -13.74 -24.56 12.80
CA SER B 209 -12.71 -24.91 13.78
C SER B 209 -12.15 -26.31 13.51
N ALA B 210 -12.87 -27.08 12.71
CA ALA B 210 -12.43 -28.43 12.35
C ALA B 210 -12.17 -28.52 10.86
N TRP B 211 -11.69 -27.43 10.26
CA TRP B 211 -11.44 -27.40 8.82
C TRP B 211 -10.26 -28.28 8.46
N GLY B 212 -9.39 -28.53 9.43
CA GLY B 212 -8.26 -29.41 9.23
C GLY B 212 -6.94 -28.68 9.43
N GLY B 213 -6.94 -27.65 10.28
CA GLY B 213 -5.75 -26.88 10.50
C GLY B 213 -5.87 -25.81 11.58
N GLU B 214 -5.05 -24.78 11.45
CA GLU B 214 -4.94 -23.71 12.43
C GLU B 214 -6.23 -22.91 12.58
N GLY B 215 -6.63 -22.70 13.84
CA GLY B 215 -7.80 -21.90 14.15
C GLY B 215 -9.05 -22.27 13.39
N SER B 216 -9.86 -21.27 13.04
CA SER B 216 -11.09 -21.50 12.31
C SER B 216 -11.06 -20.86 10.92
N LEU B 217 -10.04 -20.05 10.67
CA LEU B 217 -9.88 -19.43 9.35
C LEU B 217 -8.65 -19.99 8.64
N GLY B 218 -7.70 -20.48 9.41
CA GLY B 218 -6.47 -21.02 8.84
C GLY B 218 -5.53 -19.90 8.43
N CYS B 219 -5.61 -18.79 9.15
CA CYS B 219 -4.70 -17.68 8.92
C CYS B 219 -4.23 -17.05 10.22
N GLY B 220 -3.19 -16.23 10.13
CA GLY B 220 -2.68 -15.51 11.29
C GLY B 220 -3.26 -14.12 11.36
N ILE B 221 -3.37 -13.59 12.57
CA ILE B 221 -3.95 -12.26 12.76
C ILE B 221 -3.01 -11.38 13.58
N GLY B 222 -2.79 -10.16 13.10
CA GLY B 222 -2.00 -9.19 13.84
C GLY B 222 -2.85 -7.98 14.22
N TYR B 223 -2.63 -7.50 15.44
CA TYR B 223 -3.32 -6.30 15.91
C TYR B 223 -2.35 -5.36 16.63
N GLY B 224 -2.43 -4.07 16.31
CA GLY B 224 -1.61 -3.08 16.99
C GLY B 224 -0.78 -2.21 16.06
N TYR B 225 0.12 -1.43 16.66
CA TYR B 225 1.00 -0.52 15.91
C TYR B 225 1.81 -1.25 14.84
N LEU B 226 2.18 -2.50 15.13
CA LEU B 226 2.95 -3.29 14.17
C LEU B 226 2.07 -3.82 13.04
N HIS B 227 0.77 -3.54 13.13
CA HIS B 227 -0.19 -4.13 12.21
C HIS B 227 -1.31 -3.18 11.80
N ARG B 228 -0.97 -1.90 11.68
CA ARG B 228 -1.93 -0.92 11.20
CA ARG B 228 -1.90 -0.89 11.19
C ARG B 228 -1.85 -0.80 9.68
N ILE B 229 -2.83 -0.14 9.08
CA ILE B 229 -2.76 0.15 7.66
C ILE B 229 -1.75 1.28 7.50
N PRO B 230 -0.74 1.07 6.63
CA PRO B 230 0.41 1.96 6.52
C PRO B 230 0.07 3.39 6.10
N THR B 231 0.86 4.34 6.59
CA THR B 231 0.64 5.75 6.32
C THR B 231 1.92 6.41 5.80
N ARG B 232 1.78 7.27 4.80
CA ARG B 232 2.91 8.01 4.24
C ARG B 232 3.55 8.92 5.29
N PRO B 233 4.82 9.30 5.08
CA PRO B 233 5.55 10.14 6.04
C PRO B 233 4.97 11.55 6.20
N PHE B 234 4.45 12.13 5.12
CA PHE B 234 3.96 13.51 5.17
C PHE B 234 2.58 13.65 4.56
N GLU B 235 1.82 14.63 5.04
CA GLU B 235 0.49 14.90 4.50
C GLU B 235 0.58 15.72 3.22
N LYS C 12 -29.44 -1.11 14.76
CA LYS C 12 -28.37 -0.15 15.06
C LYS C 12 -27.23 -0.16 14.02
N HIS C 13 -26.78 -1.34 13.57
CA HIS C 13 -25.72 -1.44 12.58
C HIS C 13 -26.23 -1.28 11.16
N THR C 14 -25.56 -0.35 10.51
CA THR C 14 -25.66 -0.08 9.11
C THR C 14 -24.97 -1.18 8.34
N LYS C 15 -24.84 -0.95 7.05
CA LYS C 15 -24.27 -1.91 6.15
C LYS C 15 -23.94 -1.17 4.88
N SER C 16 -22.80 -1.50 4.28
CA SER C 16 -22.33 -0.86 3.06
C SER C 16 -23.39 -0.77 1.98
N PHE C 17 -23.37 0.36 1.27
CA PHE C 17 -24.22 0.56 0.10
C PHE C 17 -23.46 1.48 -0.85
N ILE C 18 -23.89 1.51 -2.11
CA ILE C 18 -23.15 2.27 -3.11
C ILE C 18 -23.84 3.61 -3.42
N ILE C 19 -23.03 4.65 -3.57
CA ILE C 19 -23.51 5.95 -4.01
C ILE C 19 -22.79 6.39 -5.28
N THR D 14 25.39 -0.03 -10.79
CA THR D 14 25.17 1.21 -11.51
C THR D 14 24.72 2.32 -10.57
N LYS D 15 23.98 3.28 -11.10
CA LYS D 15 23.38 4.32 -10.27
C LYS D 15 22.05 4.74 -10.88
N SER D 16 21.15 5.27 -10.05
CA SER D 16 19.83 5.63 -10.53
C SER D 16 19.82 7.02 -11.17
N PHE D 17 18.92 7.20 -12.13
CA PHE D 17 18.80 8.48 -12.84
C PHE D 17 17.38 8.69 -13.33
N ILE D 18 17.05 9.93 -13.69
CA ILE D 18 15.71 10.26 -14.15
C ILE D 18 15.64 10.29 -15.67
N ILE D 19 14.56 9.75 -16.22
CA ILE D 19 14.29 9.85 -17.65
C ILE D 19 12.99 10.60 -17.91
#